data_5XEI
#
_entry.id   5XEI
#
_cell.length_a   120.320
_cell.length_b   50.836
_cell.length_c   122.057
_cell.angle_alpha   90.000
_cell.angle_beta   118.090
_cell.angle_gamma   90.000
#
_symmetry.space_group_name_H-M   'C 1 2 1'
#
loop_
_entity.id
_entity.type
_entity.pdbx_description
1 polymer 'Chromosome partition protein Smc'
2 water water
#
_entity_poly.entity_id   1
_entity_poly.type   'polypeptide(L)'
_entity_poly.pdbx_seq_one_letter_code
;MPYIEKLELKGFKSYGNRKVVIPFSKGFTAIVGANGSGKSNIGDAILFVLGGLSAKAMRATRISDLIFAGSKGEPPAKYA
EVAIYFNNEDRGFPIDEDEVVIKRRVYPDGRSAYWLNGRRATRSEILDLLSAAMISPEGYNLVLQGDITKFIKMSPLERR
QLIDEISGIAEYDAKKEKALEELKQAEENLARVDLLIKEVKKQLDKLEKERNDALRYLDLKERLERARVALLLGEIKRLE
SMIDEGERKRAEIESGGSENTIKVKSAQLRIQLEEKRRELKHFDAALIRSVKEVSLDLEVLRKEIEDMEAEIKALEPVNM
KAIEDFEVVERRYLELKSKREKLEAEKESIIEFINEIEKEKKNVFMRTLEAIAKNFSELFAKLSPGGSARLILENPEDPF
SGGLEIEAKPAGKDVKRIEAMSGGEKALTALAFIFAIQRFKPAPFYLFDEIDAHLDDANVKRVADLIKESSRESQFIVIT
LRDVMMANADKIIGVSMRDGVSRVVSLSLEKAMKILEEAKKRNEATIGGVDAGSSSRPGL
;
_entity_poly.pdbx_strand_id   A
#
# COMPACT_ATOMS: atom_id res chain seq x y z
N MET A 1 -8.75 17.43 19.34
CA MET A 1 -9.64 17.57 18.17
C MET A 1 -10.16 19.02 17.99
N PRO A 2 -10.33 19.46 16.71
CA PRO A 2 -10.92 20.78 16.46
C PRO A 2 -12.36 20.85 16.96
N TYR A 3 -13.05 21.96 16.70
CA TYR A 3 -14.46 22.06 17.05
C TYR A 3 -15.07 23.29 16.38
N ILE A 4 -16.37 23.21 16.11
CA ILE A 4 -17.05 24.22 15.31
C ILE A 4 -17.24 25.48 16.15
N GLU A 5 -16.57 26.56 15.76
CA GLU A 5 -16.79 27.83 16.46
C GLU A 5 -18.09 28.48 16.02
N LYS A 6 -18.46 28.37 14.75
CA LYS A 6 -19.71 28.94 14.30
C LYS A 6 -20.06 28.44 12.90
N LEU A 7 -21.26 28.81 12.47
CA LEU A 7 -21.78 28.36 11.19
C LEU A 7 -22.57 29.50 10.56
N GLU A 8 -22.37 29.71 9.26
CA GLU A 8 -22.98 30.83 8.55
C GLU A 8 -23.75 30.34 7.34
N LEU A 9 -25.02 30.73 7.29
CA LEU A 9 -25.92 30.42 6.19
C LEU A 9 -26.26 31.71 5.45
N LYS A 10 -26.12 31.69 4.13
CA LYS A 10 -26.70 32.74 3.29
C LYS A 10 -27.38 32.09 2.09
N GLY A 11 -28.70 32.28 2.00
CA GLY A 11 -29.47 31.71 0.91
C GLY A 11 -29.77 30.24 1.01
N PHE A 12 -29.77 29.67 2.22
CA PHE A 12 -29.83 28.23 2.43
C PHE A 12 -31.20 27.83 2.95
N LYS A 13 -31.89 26.98 2.20
CA LYS A 13 -33.20 26.47 2.60
C LYS A 13 -34.06 27.55 3.24
N SER A 14 -34.68 27.28 4.39
CA SER A 14 -35.59 28.21 5.02
C SER A 14 -34.92 29.49 5.57
N TYR A 15 -33.64 29.77 5.40
CA TYR A 15 -33.05 30.99 5.94
C TYR A 15 -32.97 32.01 4.80
N GLY A 16 -33.15 33.28 5.13
CA GLY A 16 -33.38 34.26 4.09
C GLY A 16 -32.10 34.54 3.31
N ASN A 17 -32.18 35.61 2.50
CA ASN A 17 -30.96 36.11 1.84
C ASN A 17 -30.00 36.74 2.84
N ARG A 18 -30.51 37.24 3.96
CA ARG A 18 -29.64 37.72 5.02
C ARG A 18 -28.68 36.62 5.46
N LYS A 19 -27.38 36.93 5.49
CA LYS A 19 -26.43 36.05 6.14
C LYS A 19 -26.88 35.77 7.57
N VAL A 20 -26.64 34.55 8.05
CA VAL A 20 -27.03 34.13 9.39
C VAL A 20 -25.82 33.50 10.06
N VAL A 21 -25.49 33.96 11.26
CA VAL A 21 -24.31 33.47 11.98
C VAL A 21 -24.77 32.74 13.24
N ILE A 22 -24.44 31.46 13.32
CA ILE A 22 -24.91 30.62 14.41
C ILE A 22 -23.69 30.23 15.26
N PRO A 23 -23.55 30.79 16.45
CA PRO A 23 -22.38 30.46 17.28
C PRO A 23 -22.66 29.25 18.15
N PHE A 24 -21.59 28.51 18.43
CA PHE A 24 -21.72 27.21 19.08
C PHE A 24 -20.88 27.18 20.35
N SER A 25 -21.50 26.73 21.43
CA SER A 25 -20.77 26.37 22.63
C SER A 25 -19.74 25.29 22.31
N LYS A 26 -18.58 25.36 22.99
CA LYS A 26 -17.59 24.29 22.89
C LYS A 26 -18.14 22.97 23.43
N GLY A 27 -19.10 23.01 24.34
CA GLY A 27 -19.71 21.78 24.77
C GLY A 27 -21.07 21.51 24.17
N PHE A 28 -22.10 21.67 24.98
CA PHE A 28 -23.45 21.26 24.66
C PHE A 28 -24.20 22.51 24.19
N THR A 29 -24.49 22.61 22.89
CA THR A 29 -25.43 23.58 22.37
C THR A 29 -26.71 22.85 21.95
N ALA A 30 -27.85 23.49 22.19
CA ALA A 30 -29.15 22.91 21.85
C ALA A 30 -29.93 23.83 20.92
N ILE A 31 -30.20 23.34 19.71
CA ILE A 31 -31.11 23.99 18.78
C ILE A 31 -32.54 23.57 19.13
N VAL A 32 -33.40 24.54 19.43
CA VAL A 32 -34.80 24.26 19.77
C VAL A 32 -35.72 25.17 18.97
N GLY A 33 -36.94 24.69 18.78
CA GLY A 33 -37.96 25.32 17.98
C GLY A 33 -39.04 24.32 17.62
N ALA A 34 -40.18 24.85 17.17
CA ALA A 34 -41.32 23.99 16.93
C ALA A 34 -41.18 23.19 15.64
N ASN A 35 -42.08 22.23 15.45
CA ASN A 35 -42.16 21.48 14.20
C ASN A 35 -42.28 22.42 13.01
N GLY A 36 -41.31 22.36 12.11
CA GLY A 36 -41.35 23.24 10.95
C GLY A 36 -40.87 24.65 11.22
N SER A 37 -40.20 24.87 12.33
CA SER A 37 -39.48 26.12 12.49
C SER A 37 -38.24 26.14 11.62
N GLY A 38 -37.89 24.99 11.04
CA GLY A 38 -36.68 24.84 10.25
C GLY A 38 -35.42 24.66 11.06
N LYS A 39 -35.55 24.23 12.33
CA LYS A 39 -34.35 24.02 13.12
C LYS A 39 -33.47 22.92 12.52
N SER A 40 -34.06 21.97 11.80
CA SER A 40 -33.30 20.82 11.31
C SER A 40 -32.48 21.13 10.07
N ASN A 41 -32.83 22.19 9.36
CA ASN A 41 -32.04 22.59 8.22
C ASN A 41 -30.62 23.01 8.62
N ILE A 42 -30.38 23.25 9.91
CA ILE A 42 -29.02 23.52 10.34
C ILE A 42 -28.18 22.25 10.25
N GLY A 43 -28.72 21.13 10.74
CA GLY A 43 -28.11 19.84 10.44
C GLY A 43 -27.79 19.66 8.97
N ASP A 44 -28.79 19.90 8.11
CA ASP A 44 -28.56 19.77 6.67
C ASP A 44 -27.49 20.73 6.18
N ALA A 45 -27.40 21.91 6.79
CA ALA A 45 -26.36 22.84 6.39
C ALA A 45 -24.99 22.22 6.63
N ILE A 46 -24.80 21.61 7.80
CA ILE A 46 -23.49 21.08 8.15
C ILE A 46 -23.10 19.96 7.18
N LEU A 47 -24.06 19.10 6.83
CA LEU A 47 -23.77 18.06 5.84
C LEU A 47 -23.46 18.66 4.48
N PHE A 48 -24.21 19.69 4.10
CA PHE A 48 -23.92 20.37 2.86
C PHE A 48 -22.48 20.87 2.85
N VAL A 49 -22.07 21.60 3.90
CA VAL A 49 -20.73 22.21 3.86
C VAL A 49 -19.60 21.19 3.96
N LEU A 50 -19.83 19.98 4.51
CA LEU A 50 -18.81 18.95 4.50
C LEU A 50 -18.78 18.18 3.20
N GLY A 51 -19.11 18.82 2.09
CA GLY A 51 -19.08 18.15 0.80
C GLY A 51 -20.07 17.02 0.68
N GLY A 52 -21.24 17.17 1.28
CA GLY A 52 -22.28 16.18 1.10
C GLY A 52 -22.95 16.30 -0.26
N LEU A 53 -22.75 15.32 -1.14
CA LEU A 53 -23.51 15.20 -2.38
C LEU A 53 -24.80 14.39 -2.19
N SER A 54 -25.26 14.28 -0.95
CA SER A 54 -26.19 13.25 -0.50
C SER A 54 -27.61 13.40 -1.08
N ALA A 55 -28.02 14.60 -1.48
CA ALA A 55 -29.32 14.88 -2.08
C ALA A 55 -30.48 14.57 -1.12
N LYS A 56 -30.88 13.28 -1.03
CA LYS A 56 -31.93 12.89 -0.08
C LYS A 56 -31.58 13.29 1.34
N ALA A 57 -30.30 13.15 1.72
CA ALA A 57 -29.93 13.32 3.11
C ALA A 57 -29.95 14.78 3.55
N MET A 58 -29.76 15.72 2.62
CA MET A 58 -29.97 17.13 2.93
C MET A 58 -31.44 17.53 2.79
N ARG A 59 -32.34 16.56 2.55
CA ARG A 59 -33.80 16.72 2.50
C ARG A 59 -34.22 17.84 1.55
N ALA A 60 -33.50 17.95 0.44
CA ALA A 60 -33.96 18.71 -0.70
C ALA A 60 -34.35 17.72 -1.78
N THR A 61 -35.42 18.04 -2.53
CA THR A 61 -35.81 17.15 -3.61
C THR A 61 -34.68 16.98 -4.63
N ARG A 62 -33.90 18.06 -4.86
CA ARG A 62 -32.80 18.06 -5.80
C ARG A 62 -31.68 18.87 -5.18
N ILE A 63 -30.50 18.78 -5.79
CA ILE A 63 -29.36 19.51 -5.25
C ILE A 63 -29.61 21.01 -5.30
N SER A 64 -30.24 21.50 -6.38
CA SER A 64 -30.45 22.93 -6.47
C SER A 64 -31.52 23.44 -5.51
N ASP A 65 -32.42 22.59 -5.01
CA ASP A 65 -33.42 23.04 -4.03
C ASP A 65 -32.92 22.97 -2.60
N LEU A 66 -31.64 23.24 -2.40
CA LEU A 66 -31.11 23.73 -1.14
C LEU A 66 -31.07 25.25 -1.12
N ILE A 67 -31.55 25.89 -2.18
CA ILE A 67 -31.45 27.34 -2.33
C ILE A 67 -32.80 27.97 -1.99
N PHE A 68 -32.74 28.99 -1.13
CA PHE A 68 -33.92 29.78 -0.77
C PHE A 68 -34.76 30.07 -2.00
N ALA A 69 -35.95 29.48 -2.05
CA ALA A 69 -36.88 29.69 -3.14
C ALA A 69 -37.70 30.97 -3.00
N GLY A 70 -37.44 31.76 -1.96
CA GLY A 70 -38.09 33.04 -1.75
C GLY A 70 -39.32 32.92 -0.86
N SER A 71 -39.66 34.02 -0.20
CA SER A 71 -40.84 34.10 0.66
C SER A 71 -41.62 35.36 0.36
N LYS A 72 -42.70 35.54 1.13
CA LYS A 72 -43.55 36.71 1.03
C LYS A 72 -42.75 38.01 1.10
N GLY A 73 -41.72 38.04 1.92
CA GLY A 73 -41.05 39.31 2.15
C GLY A 73 -39.64 39.37 1.59
N GLU A 74 -39.14 38.27 1.04
CA GLU A 74 -37.78 38.26 0.53
C GLU A 74 -37.72 37.57 -0.81
N PRO A 75 -36.89 38.07 -1.72
CA PRO A 75 -36.75 37.46 -3.06
C PRO A 75 -36.00 36.13 -3.01
N PRO A 76 -36.22 35.25 -3.99
CA PRO A 76 -35.43 34.02 -4.05
C PRO A 76 -33.94 34.34 -4.10
N ALA A 77 -33.15 33.43 -3.55
CA ALA A 77 -31.71 33.67 -3.48
C ALA A 77 -31.07 33.36 -4.82
N LYS A 78 -29.91 33.98 -5.06
CA LYS A 78 -29.16 33.66 -6.26
C LYS A 78 -28.33 32.40 -6.11
N TYR A 79 -28.15 31.91 -4.88
CA TYR A 79 -27.38 30.72 -4.56
C TYR A 79 -27.53 30.41 -3.08
N ALA A 80 -27.08 29.22 -2.71
CA ALA A 80 -27.05 28.80 -1.32
C ALA A 80 -25.60 28.73 -0.87
N GLU A 81 -25.34 29.21 0.34
CA GLU A 81 -23.96 29.34 0.81
C GLU A 81 -23.86 29.01 2.30
N VAL A 82 -22.92 28.15 2.64
CA VAL A 82 -22.67 27.79 4.03
C VAL A 82 -21.18 27.93 4.29
N ALA A 83 -20.84 28.56 5.41
CA ALA A 83 -19.45 28.65 5.82
C ALA A 83 -19.34 28.04 7.22
N ILE A 84 -18.32 27.22 7.44
CA ILE A 84 -18.16 26.60 8.74
C ILE A 84 -16.77 26.94 9.27
N TYR A 85 -16.70 27.30 10.55
CA TYR A 85 -15.46 27.74 11.16
C TYR A 85 -15.07 26.78 12.26
N PHE A 86 -13.89 26.17 12.13
CA PHE A 86 -13.33 25.25 13.11
C PHE A 86 -12.19 25.90 13.86
N ASN A 87 -12.13 25.63 15.17
CA ASN A 87 -10.98 26.01 15.96
C ASN A 87 -9.95 24.91 15.86
N ASN A 88 -8.76 25.24 15.36
CA ASN A 88 -7.71 24.27 15.10
C ASN A 88 -6.48 24.50 15.97
N GLU A 89 -6.64 25.17 17.12
CA GLU A 89 -5.52 25.42 18.03
C GLU A 89 -4.86 24.14 18.48
N ASP A 90 -5.47 22.98 18.22
CA ASP A 90 -4.88 21.69 18.50
C ASP A 90 -4.32 21.01 17.25
N ARG A 91 -4.44 21.64 16.08
CA ARG A 91 -3.86 21.16 14.83
C ARG A 91 -4.37 19.79 14.42
N GLY A 92 -5.60 19.43 14.79
CA GLY A 92 -6.22 18.24 14.19
C GLY A 92 -6.27 18.32 12.68
N PHE A 93 -6.44 19.53 12.15
CA PHE A 93 -6.31 19.74 10.73
C PHE A 93 -4.85 19.92 10.37
N PRO A 94 -4.33 19.16 9.39
CA PRO A 94 -2.97 19.42 8.88
C PRO A 94 -2.87 20.74 8.15
N ILE A 95 -3.07 21.84 8.89
CA ILE A 95 -2.94 23.20 8.38
C ILE A 95 -2.32 24.03 9.49
N ASP A 96 -1.36 24.87 9.14
CA ASP A 96 -0.68 25.67 10.16
C ASP A 96 -1.49 26.92 10.50
N GLU A 97 -2.74 26.67 10.88
CA GLU A 97 -3.68 27.70 11.30
C GLU A 97 -4.52 27.15 12.45
N ASP A 98 -4.93 28.07 13.34
CA ASP A 98 -5.87 27.73 14.40
C ASP A 98 -7.31 27.90 14.01
N GLU A 99 -7.57 28.58 12.89
CA GLU A 99 -8.91 28.66 12.34
C GLU A 99 -8.85 28.06 10.94
N VAL A 100 -9.55 26.96 10.74
CA VAL A 100 -9.81 26.39 9.43
C VAL A 100 -11.25 26.76 9.06
N VAL A 101 -11.41 27.45 7.95
CA VAL A 101 -12.72 27.93 7.50
C VAL A 101 -13.03 27.32 6.15
N ILE A 102 -14.17 26.64 6.06
CA ILE A 102 -14.62 25.98 4.84
C ILE A 102 -15.93 26.62 4.43
N LYS A 103 -15.99 27.13 3.21
CA LYS A 103 -17.21 27.68 2.65
C LYS A 103 -17.55 26.91 1.38
N ARG A 104 -18.83 26.58 1.22
CA ARG A 104 -19.33 25.91 0.03
C ARG A 104 -20.54 26.68 -0.49
N ARG A 105 -20.67 26.73 -1.81
CA ARG A 105 -21.74 27.48 -2.43
C ARG A 105 -22.26 26.71 -3.63
N VAL A 106 -23.58 26.65 -3.76
CA VAL A 106 -24.21 25.91 -4.84
C VAL A 106 -25.10 26.88 -5.62
N TYR A 107 -25.01 26.82 -6.92
CA TYR A 107 -25.77 27.67 -7.83
C TYR A 107 -26.97 26.92 -8.36
N PRO A 108 -27.97 27.64 -8.89
CA PRO A 108 -29.19 26.98 -9.35
C PRO A 108 -29.00 25.98 -10.47
N ASP A 109 -27.95 26.11 -11.27
CA ASP A 109 -27.68 25.08 -12.27
C ASP A 109 -26.93 23.87 -11.70
N GLY A 110 -26.76 23.75 -10.37
CA GLY A 110 -26.20 22.57 -9.78
C GLY A 110 -24.71 22.60 -9.47
N ARG A 111 -23.92 23.45 -10.14
CA ARG A 111 -22.49 23.52 -9.85
C ARG A 111 -22.22 24.09 -8.46
N SER A 112 -21.17 23.57 -7.81
CA SER A 112 -20.71 23.98 -6.48
C SER A 112 -19.37 24.69 -6.54
N ALA A 113 -18.85 25.03 -5.36
CA ALA A 113 -17.59 25.76 -5.26
C ALA A 113 -17.17 25.76 -3.81
N TYR A 114 -15.89 25.53 -3.58
CA TYR A 114 -15.38 25.42 -2.22
C TYR A 114 -14.30 26.46 -1.98
N TRP A 115 -14.02 26.70 -0.70
CA TRP A 115 -12.93 27.56 -0.27
C TRP A 115 -12.48 27.11 1.11
N LEU A 116 -11.18 26.90 1.30
CA LEU A 116 -10.64 26.88 2.65
C LEU A 116 -9.82 28.14 2.86
N ASN A 117 -10.12 28.84 3.96
CA ASN A 117 -9.41 30.06 4.31
C ASN A 117 -9.33 31.03 3.14
N GLY A 118 -10.33 31.01 2.24
CA GLY A 118 -10.48 31.99 1.19
C GLY A 118 -9.99 31.56 -0.20
N ARG A 119 -9.08 30.61 -0.29
CA ARG A 119 -8.63 30.17 -1.60
C ARG A 119 -9.56 29.10 -2.15
N ARG A 120 -9.78 29.14 -3.46
CA ARG A 120 -10.56 28.11 -4.12
C ARG A 120 -9.95 26.74 -3.88
N ALA A 121 -10.77 25.80 -3.43
CA ALA A 121 -10.36 24.43 -3.26
C ALA A 121 -11.26 23.53 -4.09
N THR A 122 -10.74 22.36 -4.42
CA THR A 122 -11.58 21.34 -5.03
C THR A 122 -12.25 20.49 -3.95
N ARG A 123 -13.19 19.66 -4.38
CA ARG A 123 -13.87 18.86 -3.39
C ARG A 123 -12.99 17.77 -2.81
N SER A 124 -12.11 17.15 -3.61
CA SER A 124 -11.25 16.10 -3.08
C SER A 124 -10.25 16.65 -2.07
N GLU A 125 -9.88 17.92 -2.17
CA GLU A 125 -9.00 18.51 -1.16
C GLU A 125 -9.73 18.76 0.15
N ILE A 126 -10.96 19.31 0.09
CA ILE A 126 -11.75 19.46 1.32
C ILE A 126 -12.00 18.10 1.95
N LEU A 127 -12.35 17.10 1.14
CA LEU A 127 -12.69 15.79 1.70
C LEU A 127 -11.48 15.15 2.36
N ASP A 128 -10.33 15.16 1.68
CA ASP A 128 -9.16 14.46 2.18
C ASP A 128 -8.67 15.08 3.48
N LEU A 129 -8.80 16.41 3.61
CA LEU A 129 -8.41 17.10 4.84
C LEU A 129 -9.44 16.86 5.95
N LEU A 130 -10.74 16.87 5.63
CA LEU A 130 -11.70 16.49 6.65
C LEU A 130 -11.46 15.07 7.14
N SER A 131 -10.93 14.19 6.28
CA SER A 131 -10.58 12.84 6.72
C SER A 131 -9.36 12.85 7.62
N ALA A 132 -8.31 13.57 7.20
CA ALA A 132 -7.13 13.69 8.03
C ALA A 132 -7.47 14.19 9.43
N ALA A 133 -8.46 15.06 9.56
CA ALA A 133 -8.90 15.49 10.88
C ALA A 133 -9.92 14.54 11.49
N MET A 134 -10.09 13.36 10.87
CA MET A 134 -11.13 12.39 11.18
C MET A 134 -12.46 13.07 11.53
N ILE A 135 -12.78 14.14 10.81
CA ILE A 135 -14.10 14.75 10.91
C ILE A 135 -15.11 13.80 10.27
N SER A 136 -16.09 13.36 11.06
CA SER A 136 -17.17 12.51 10.57
C SER A 136 -16.65 11.21 9.93
N PRO A 137 -16.11 10.25 10.74
CA PRO A 137 -15.79 8.91 10.21
C PRO A 137 -17.01 8.09 9.84
N GLU A 138 -17.20 7.84 8.54
CA GLU A 138 -18.44 7.29 8.00
C GLU A 138 -19.66 8.10 8.41
N GLY A 139 -19.47 9.35 8.83
CA GLY A 139 -20.57 10.13 9.35
C GLY A 139 -21.24 9.57 10.58
N TYR A 140 -20.56 8.69 11.35
CA TYR A 140 -21.18 8.15 12.55
C TYR A 140 -21.56 9.25 13.54
N ASN A 141 -20.77 10.32 13.61
CA ASN A 141 -21.02 11.42 14.53
C ASN A 141 -22.05 12.43 14.01
N LEU A 142 -22.52 12.28 12.76
CA LEU A 142 -23.65 13.05 12.22
C LEU A 142 -24.89 12.17 12.20
N VAL A 143 -25.79 12.40 13.16
CA VAL A 143 -27.03 11.64 13.28
C VAL A 143 -28.21 12.51 12.88
N LEU A 144 -28.56 12.46 11.60
CA LEU A 144 -29.69 13.17 11.01
C LEU A 144 -30.92 12.27 10.97
N GLN A 145 -32.04 12.84 10.54
CA GLN A 145 -33.28 12.06 10.52
C GLN A 145 -33.13 10.84 9.60
N GLY A 146 -33.58 9.69 10.08
CA GLY A 146 -33.44 8.44 9.36
C GLY A 146 -32.09 7.75 9.47
N ASP A 147 -31.08 8.39 10.07
CA ASP A 147 -29.79 7.74 10.21
C ASP A 147 -29.88 6.53 11.15
N ILE A 148 -30.64 6.64 12.25
CA ILE A 148 -30.80 5.51 13.17
C ILE A 148 -31.38 4.31 12.44
N THR A 149 -32.40 4.54 11.62
CA THR A 149 -32.98 3.44 10.87
C THR A 149 -31.99 2.90 9.84
N LYS A 150 -31.22 3.78 9.19
CA LYS A 150 -30.18 3.32 8.27
C LYS A 150 -29.13 2.48 8.99
N PHE A 151 -28.84 2.84 10.24
CA PHE A 151 -27.80 2.16 11.02
C PHE A 151 -28.27 0.80 11.52
N ILE A 152 -29.59 0.63 11.64
CA ILE A 152 -30.19 -0.61 12.13
C ILE A 152 -30.28 -1.64 11.00
N LYS A 153 -30.65 -1.21 9.80
CA LYS A 153 -30.61 -2.07 8.62
C LYS A 153 -29.18 -2.35 8.16
N MET A 154 -28.18 -1.74 8.81
CA MET A 154 -26.81 -1.86 8.36
C MET A 154 -26.28 -3.27 8.61
N SER A 155 -25.62 -3.84 7.61
CA SER A 155 -25.10 -5.20 7.72
C SER A 155 -23.97 -5.27 8.76
N PRO A 156 -23.66 -6.47 9.27
CA PRO A 156 -22.46 -6.58 10.12
C PRO A 156 -21.21 -6.23 9.36
N LEU A 157 -21.04 -6.81 8.17
CA LEU A 157 -19.90 -6.49 7.32
C LEU A 157 -19.79 -4.98 7.10
N GLU A 158 -20.90 -4.27 7.02
CA GLU A 158 -20.85 -2.81 6.85
C GLU A 158 -20.43 -2.07 8.14
N ARG A 159 -20.55 -2.72 9.30
CA ARG A 159 -20.28 -2.08 10.58
C ARG A 159 -18.80 -2.11 10.96
N ARG A 160 -18.08 -3.18 10.59
CA ARG A 160 -16.67 -3.33 10.98
C ARG A 160 -15.82 -2.17 10.53
N GLN A 161 -15.98 -1.74 9.28
CA GLN A 161 -15.09 -0.78 8.64
C GLN A 161 -14.90 0.48 9.48
N LEU A 162 -15.94 0.92 10.18
CA LEU A 162 -15.75 2.06 11.05
C LEU A 162 -14.83 1.73 12.21
N ILE A 163 -14.90 0.51 12.74
CA ILE A 163 -13.94 0.10 13.78
C ILE A 163 -12.50 0.15 13.23
N ASP A 164 -12.29 -0.25 11.96
CA ASP A 164 -10.96 -0.15 11.36
C ASP A 164 -10.44 1.28 11.44
N GLU A 165 -11.22 2.22 10.91
CA GLU A 165 -10.90 3.64 11.05
C GLU A 165 -10.53 4.01 12.49
N ILE A 166 -11.41 3.70 13.45
CA ILE A 166 -11.20 4.16 14.81
C ILE A 166 -9.89 3.58 15.37
N SER A 167 -9.67 2.29 15.11
CA SER A 167 -8.48 1.64 15.66
C SER A 167 -7.21 2.18 15.04
N GLY A 168 -7.29 2.74 13.84
CA GLY A 168 -6.14 3.35 13.22
C GLY A 168 -5.16 2.39 12.60
N ILE A 169 -5.64 1.23 12.13
CA ILE A 169 -4.77 0.25 11.49
C ILE A 169 -4.21 0.70 10.14
N ALA A 170 -4.61 1.86 9.63
CA ALA A 170 -4.11 2.30 8.33
C ALA A 170 -2.59 2.40 8.33
N GLU A 171 -2.01 2.85 9.44
CA GLU A 171 -0.55 3.03 9.45
C GLU A 171 0.16 1.71 9.20
N TYR A 172 -0.36 0.62 9.79
CA TYR A 172 0.19 -0.70 9.52
C TYR A 172 -0.07 -1.13 8.09
N ASP A 173 -1.21 -0.72 7.52
CA ASP A 173 -1.48 -1.11 6.13
C ASP A 173 -0.56 -0.38 5.15
N ALA A 174 -0.15 0.85 5.46
CA ALA A 174 0.85 1.52 4.65
C ALA A 174 2.19 0.80 4.70
N LYS A 175 2.65 0.41 5.89
CA LYS A 175 3.90 -0.36 5.97
C LYS A 175 3.77 -1.67 5.21
N LYS A 176 2.75 -2.47 5.55
CA LYS A 176 2.53 -3.71 4.83
C LYS A 176 2.61 -3.53 3.31
N GLU A 177 2.05 -2.43 2.78
CA GLU A 177 2.00 -2.33 1.32
C GLU A 177 3.39 -2.14 0.72
N LYS A 178 4.25 -1.32 1.36
CA LYS A 178 5.62 -1.21 0.85
C LYS A 178 6.38 -2.51 1.07
N ALA A 179 6.06 -3.26 2.12
CA ALA A 179 6.66 -4.57 2.28
C ALA A 179 6.27 -5.49 1.14
N LEU A 180 5.01 -5.43 0.72
CA LEU A 180 4.59 -6.28 -0.38
C LEU A 180 5.15 -5.78 -1.71
N GLU A 181 5.39 -4.49 -1.84
CA GLU A 181 6.10 -4.01 -3.01
C GLU A 181 7.48 -4.65 -3.08
N GLU A 182 8.25 -4.55 -2.00
CA GLU A 182 9.59 -5.11 -2.01
C GLU A 182 9.57 -6.62 -2.17
N LEU A 183 8.59 -7.30 -1.61
CA LEU A 183 8.52 -8.75 -1.82
C LEU A 183 8.32 -9.06 -3.30
N LYS A 184 7.44 -8.31 -3.96
CA LYS A 184 7.19 -8.50 -5.38
C LYS A 184 8.48 -8.33 -6.18
N GLN A 185 9.15 -7.21 -5.96
CA GLN A 185 10.44 -6.97 -6.59
C GLN A 185 11.42 -8.09 -6.28
N ALA A 186 11.35 -8.62 -5.07
CA ALA A 186 12.38 -9.56 -4.65
C ALA A 186 12.31 -10.85 -5.46
N GLU A 187 11.12 -11.35 -5.75
CA GLU A 187 11.06 -12.62 -6.45
C GLU A 187 11.03 -12.49 -7.94
N GLU A 188 10.71 -11.32 -8.48
CA GLU A 188 10.94 -11.14 -9.90
C GLU A 188 12.43 -11.12 -10.19
N ASN A 189 13.19 -10.36 -9.40
CA ASN A 189 14.64 -10.53 -9.38
C ASN A 189 15.02 -12.00 -9.26
N LEU A 190 14.50 -12.66 -8.22
CA LEU A 190 14.82 -14.07 -7.98
C LEU A 190 14.51 -14.92 -9.20
N ALA A 191 13.42 -14.59 -9.90
CA ALA A 191 13.06 -15.36 -11.09
C ALA A 191 14.00 -15.03 -12.24
N ARG A 192 14.45 -13.79 -12.33
CA ARG A 192 15.45 -13.43 -13.32
C ARG A 192 16.71 -14.26 -13.12
N VAL A 193 17.19 -14.32 -11.88
CA VAL A 193 18.41 -15.06 -11.61
C VAL A 193 18.25 -16.53 -12.01
N ASP A 194 17.08 -17.11 -11.74
CA ASP A 194 16.84 -18.52 -12.12
C ASP A 194 16.96 -18.72 -13.62
N LEU A 195 16.44 -17.77 -14.40
CA LEU A 195 16.49 -17.90 -15.84
C LEU A 195 17.91 -17.71 -16.35
N LEU A 196 18.71 -16.87 -15.66
CA LEU A 196 20.11 -16.71 -16.03
C LEU A 196 20.92 -17.94 -15.69
N ILE A 197 20.64 -18.54 -14.54
CA ILE A 197 21.34 -19.75 -14.14
C ILE A 197 21.08 -20.87 -15.12
N LYS A 198 19.85 -20.96 -15.63
CA LYS A 198 19.55 -22.07 -16.51
C LYS A 198 20.33 -21.97 -17.82
N GLU A 199 20.40 -20.78 -18.43
CA GLU A 199 21.15 -20.63 -19.67
C GLU A 199 22.65 -20.75 -19.41
N VAL A 200 23.15 -20.02 -18.41
CA VAL A 200 24.57 -20.05 -18.12
C VAL A 200 25.04 -21.48 -17.88
N LYS A 201 24.28 -22.21 -17.07
CA LYS A 201 24.62 -23.61 -16.80
C LYS A 201 24.68 -24.41 -18.11
N LYS A 202 23.88 -24.03 -19.10
CA LYS A 202 23.88 -24.80 -20.32
C LYS A 202 25.04 -24.36 -21.23
N GLN A 203 25.30 -23.06 -21.27
CA GLN A 203 26.48 -22.55 -21.93
C GLN A 203 27.75 -23.12 -21.31
N LEU A 204 27.81 -23.19 -19.98
CA LEU A 204 29.02 -23.68 -19.31
C LEU A 204 29.38 -25.07 -19.80
N ASP A 205 28.37 -25.88 -20.14
CA ASP A 205 28.63 -27.26 -20.49
C ASP A 205 29.04 -27.46 -21.93
N LYS A 206 28.57 -26.62 -22.85
CA LYS A 206 29.30 -26.52 -24.10
C LYS A 206 30.78 -26.31 -23.81
N LEU A 207 31.08 -25.32 -22.97
CA LEU A 207 32.46 -24.89 -22.81
C LEU A 207 33.31 -25.95 -22.11
N GLU A 208 32.73 -26.73 -21.20
CA GLU A 208 33.52 -27.80 -20.60
C GLU A 208 34.00 -28.78 -21.63
N LYS A 209 33.15 -29.08 -22.62
CA LYS A 209 33.50 -30.08 -23.62
C LYS A 209 34.50 -29.51 -24.62
N GLU A 210 34.26 -28.29 -25.08
CA GLU A 210 35.25 -27.61 -25.92
C GLU A 210 36.57 -27.41 -25.18
N ARG A 211 36.51 -27.00 -23.91
CA ARG A 211 37.76 -26.83 -23.17
C ARG A 211 38.59 -28.09 -23.23
N ASN A 212 37.95 -29.24 -22.96
CA ASN A 212 38.71 -30.47 -22.87
C ASN A 212 39.25 -30.89 -24.22
N ASP A 213 38.52 -30.61 -25.29
CA ASP A 213 39.05 -30.88 -26.63
C ASP A 213 40.20 -29.96 -26.94
N ALA A 214 40.07 -28.67 -26.59
CA ALA A 214 41.19 -27.76 -26.77
C ALA A 214 42.39 -28.22 -25.97
N LEU A 215 42.16 -28.77 -24.78
CA LEU A 215 43.28 -29.24 -23.96
C LEU A 215 43.99 -30.43 -24.60
N ARG A 216 43.26 -31.39 -25.15
CA ARG A 216 43.94 -32.56 -25.71
C ARG A 216 44.53 -32.25 -27.07
N TYR A 217 43.85 -31.44 -27.86
CA TYR A 217 44.50 -30.86 -29.02
C TYR A 217 45.86 -30.26 -28.63
N LEU A 218 45.92 -29.56 -27.50
CA LEU A 218 47.18 -29.02 -27.02
C LEU A 218 48.20 -30.13 -26.80
N ASP A 219 47.85 -31.11 -25.96
CA ASP A 219 48.74 -32.23 -25.70
C ASP A 219 49.27 -32.85 -26.98
N LEU A 220 48.36 -33.20 -27.89
CA LEU A 220 48.74 -33.80 -29.16
C LEU A 220 49.69 -32.89 -29.94
N LYS A 221 49.39 -31.59 -29.96
CA LYS A 221 50.28 -30.62 -30.60
C LYS A 221 51.69 -30.73 -30.07
N GLU A 222 51.83 -30.90 -28.75
CA GLU A 222 53.15 -30.88 -28.15
C GLU A 222 53.91 -32.17 -28.38
N ARG A 223 53.25 -33.32 -28.18
CA ARG A 223 53.92 -34.56 -28.51
C ARG A 223 54.31 -34.58 -29.98
N LEU A 224 53.40 -34.13 -30.86
CA LEU A 224 53.73 -34.08 -32.28
C LEU A 224 54.99 -33.27 -32.55
N GLU A 225 55.26 -32.23 -31.76
CA GLU A 225 56.42 -31.43 -32.14
C GLU A 225 57.73 -32.00 -31.61
N ARG A 226 57.73 -32.57 -30.42
CA ARG A 226 58.95 -33.23 -29.94
C ARG A 226 59.30 -34.41 -30.86
N ALA A 227 58.30 -35.20 -31.24
CA ALA A 227 58.50 -36.24 -32.25
C ALA A 227 59.08 -35.68 -33.54
N ARG A 228 58.68 -34.48 -33.92
CA ARG A 228 59.28 -33.90 -35.13
C ARG A 228 60.74 -33.58 -34.92
N VAL A 229 61.09 -33.10 -33.72
CA VAL A 229 62.50 -32.82 -33.45
C VAL A 229 63.29 -34.14 -33.36
N ALA A 230 62.67 -35.18 -32.78
CA ALA A 230 63.29 -36.48 -32.66
C ALA A 230 63.62 -37.07 -34.02
N LEU A 231 62.59 -37.26 -34.86
CA LEU A 231 62.81 -37.78 -36.21
C LEU A 231 63.92 -37.01 -36.91
N LEU A 232 64.13 -35.76 -36.52
CA LEU A 232 65.10 -34.96 -37.23
C LEU A 232 66.52 -35.18 -36.70
N LEU A 233 66.71 -35.32 -35.38
CA LEU A 233 68.03 -35.68 -34.86
C LEU A 233 68.52 -36.99 -35.46
N GLY A 234 67.65 -38.00 -35.51
CA GLY A 234 67.98 -39.20 -36.24
C GLY A 234 68.20 -38.95 -37.72
N GLU A 235 67.40 -38.07 -38.33
CA GLU A 235 67.46 -37.81 -39.77
C GLU A 235 68.83 -37.32 -40.25
N ILE A 236 69.76 -36.99 -39.35
CA ILE A 236 71.10 -36.57 -39.76
C ILE A 236 72.14 -37.60 -39.38
N LYS A 237 72.00 -38.26 -38.21
CA LYS A 237 72.86 -39.39 -37.90
C LYS A 237 72.92 -40.33 -39.10
N ARG A 238 71.74 -40.69 -39.59
CA ARG A 238 71.61 -41.53 -40.79
C ARG A 238 72.28 -40.89 -41.99
N LEU A 239 71.96 -39.63 -42.25
CA LEU A 239 72.56 -38.90 -43.37
C LEU A 239 74.04 -38.64 -43.15
N GLU A 240 74.49 -38.71 -41.88
CA GLU A 240 75.91 -38.59 -41.56
C GLU A 240 76.65 -39.89 -41.84
N SER A 241 76.06 -41.03 -41.48
CA SER A 241 76.69 -42.28 -41.91
C SER A 241 76.54 -42.52 -43.41
N MET A 242 75.76 -41.69 -44.12
CA MET A 242 75.56 -41.77 -45.57
C MET A 242 76.71 -41.12 -46.35
N ILE A 243 76.89 -39.81 -46.18
CA ILE A 243 77.95 -39.06 -46.85
C ILE A 243 79.35 -39.52 -46.44
N ASP A 244 79.47 -40.17 -45.26
CA ASP A 244 80.68 -40.87 -44.84
C ASP A 244 81.24 -41.72 -45.98
N GLU A 245 80.34 -42.26 -46.79
CA GLU A 245 80.71 -43.07 -47.94
C GLU A 245 79.98 -42.69 -49.23
N GLY A 246 78.85 -41.96 -49.17
CA GLY A 246 78.11 -41.51 -50.34
C GLY A 246 78.82 -40.44 -51.16
N GLU A 247 79.88 -39.83 -50.61
CA GLU A 247 80.85 -39.09 -51.38
C GLU A 247 82.21 -39.78 -51.46
N ARG A 248 82.43 -40.79 -50.60
CA ARG A 248 83.58 -41.68 -50.74
C ARG A 248 83.47 -42.54 -52.02
N LYS A 249 82.25 -42.71 -52.55
CA LYS A 249 82.04 -43.40 -53.81
C LYS A 249 82.70 -42.69 -54.99
N ARG A 250 83.09 -41.42 -54.82
CA ARG A 250 83.73 -40.61 -55.86
C ARG A 250 85.02 -41.24 -56.40
N ALA A 251 86.05 -41.33 -55.54
CA ALA A 251 87.33 -41.89 -55.94
C ALA A 251 87.30 -43.42 -56.05
N GLU A 252 86.17 -43.96 -56.54
CA GLU A 252 85.99 -45.39 -56.77
C GLU A 252 85.23 -45.73 -58.06
N ILE A 253 84.44 -44.82 -58.62
CA ILE A 253 83.61 -45.10 -59.79
C ILE A 253 83.86 -43.99 -60.83
N GLU A 254 84.90 -44.16 -61.64
CA GLU A 254 85.19 -43.26 -62.76
C GLU A 254 85.97 -43.97 -63.86
N GLU A 259 81.02 -37.80 -66.20
CA GLU A 259 81.20 -38.99 -65.37
C GLU A 259 81.29 -38.62 -63.90
N ASN A 260 80.56 -37.58 -63.50
CA ASN A 260 80.48 -37.15 -62.12
C ASN A 260 79.05 -37.19 -61.61
N THR A 261 78.34 -38.30 -61.90
CA THR A 261 77.01 -38.49 -61.34
C THR A 261 77.05 -38.60 -59.82
N ILE A 262 78.15 -39.13 -59.28
CA ILE A 262 78.29 -39.27 -57.83
C ILE A 262 78.57 -37.91 -57.17
N LYS A 263 79.16 -36.97 -57.92
CA LYS A 263 79.34 -35.62 -57.37
C LYS A 263 78.02 -34.85 -57.30
N VAL A 264 77.03 -35.20 -58.12
CA VAL A 264 75.78 -34.46 -58.17
C VAL A 264 74.84 -34.89 -57.05
N LYS A 265 74.61 -36.19 -56.93
CA LYS A 265 73.72 -36.70 -55.89
C LYS A 265 74.36 -36.72 -54.51
N SER A 266 75.70 -36.71 -54.42
CA SER A 266 76.35 -36.48 -53.14
C SER A 266 76.46 -34.99 -52.83
N ALA A 267 76.21 -34.11 -53.81
CA ALA A 267 75.88 -32.73 -53.55
C ALA A 267 74.41 -32.55 -53.20
N GLN A 268 73.56 -33.52 -53.56
CA GLN A 268 72.21 -33.59 -53.02
C GLN A 268 72.23 -34.07 -51.57
N LEU A 269 72.97 -35.15 -51.32
CA LEU A 269 73.08 -35.70 -49.97
C LEU A 269 73.66 -34.65 -49.02
N ARG A 270 74.61 -33.84 -49.48
CA ARG A 270 75.14 -32.77 -48.64
C ARG A 270 74.22 -31.56 -48.59
N ILE A 271 73.33 -31.40 -49.58
CA ILE A 271 72.47 -30.20 -49.66
C ILE A 271 71.20 -30.37 -48.85
N GLN A 272 70.63 -31.56 -48.83
CA GLN A 272 69.63 -31.85 -47.81
C GLN A 272 70.26 -31.88 -46.42
N LEU A 273 71.50 -32.36 -46.32
CA LEU A 273 72.13 -32.57 -45.02
C LEU A 273 72.33 -31.26 -44.27
N GLU A 274 73.15 -30.36 -44.83
CA GLU A 274 73.46 -29.06 -44.23
C GLU A 274 72.29 -28.43 -43.52
N GLU A 275 71.17 -28.36 -44.24
CA GLU A 275 70.08 -27.54 -43.78
C GLU A 275 69.21 -28.29 -42.78
N LYS A 276 69.08 -29.61 -42.90
CA LYS A 276 68.44 -30.36 -41.82
C LYS A 276 69.33 -30.49 -40.58
N ARG A 277 70.49 -29.83 -40.52
CA ARG A 277 71.22 -29.61 -39.26
C ARG A 277 70.96 -28.22 -38.73
N ARG A 278 71.20 -27.24 -39.60
CA ARG A 278 70.93 -25.85 -39.29
C ARG A 278 69.46 -25.61 -38.95
N GLU A 279 68.58 -26.51 -39.41
CA GLU A 279 67.16 -26.41 -39.07
C GLU A 279 66.93 -26.42 -37.57
N LEU A 280 67.72 -27.19 -36.83
CA LEU A 280 67.55 -27.33 -35.38
C LEU A 280 68.27 -26.26 -34.60
N LYS A 281 69.17 -25.51 -35.25
CA LYS A 281 69.71 -24.31 -34.63
C LYS A 281 68.60 -23.36 -34.22
N HIS A 282 67.42 -23.52 -34.81
CA HIS A 282 66.29 -22.61 -34.62
C HIS A 282 65.18 -23.23 -33.78
N PHE A 283 65.39 -24.42 -33.23
CA PHE A 283 64.47 -24.99 -32.26
C PHE A 283 64.94 -24.67 -30.86
N ASP A 284 64.00 -24.39 -29.96
CA ASP A 284 64.34 -24.00 -28.60
C ASP A 284 65.18 -25.07 -27.91
N ALA A 285 66.05 -24.62 -26.99
CA ALA A 285 66.98 -25.51 -26.32
C ALA A 285 66.27 -26.42 -25.32
N ALA A 286 65.21 -25.95 -24.67
CA ALA A 286 64.49 -26.83 -23.74
C ALA A 286 63.88 -28.01 -24.49
N LEU A 287 63.12 -27.72 -25.56
CA LEU A 287 62.53 -28.78 -26.37
C LEU A 287 63.60 -29.74 -26.87
N ILE A 288 64.65 -29.21 -27.51
CA ILE A 288 65.67 -30.03 -28.17
C ILE A 288 66.31 -31.01 -27.21
N ARG A 289 66.39 -30.67 -25.92
CA ARG A 289 67.05 -31.55 -24.96
C ARG A 289 66.08 -32.49 -24.25
N SER A 290 64.83 -32.07 -24.05
CA SER A 290 63.78 -32.98 -23.58
C SER A 290 63.43 -34.04 -24.61
N VAL A 291 64.14 -34.05 -25.73
CA VAL A 291 64.02 -35.11 -26.73
C VAL A 291 65.37 -35.71 -27.13
N LYS A 292 66.48 -34.96 -27.02
CA LYS A 292 67.83 -35.42 -27.37
C LYS A 292 68.19 -36.72 -26.66
N GLU A 293 67.33 -37.20 -25.77
CA GLU A 293 67.65 -38.26 -24.84
C GLU A 293 66.54 -39.31 -24.81
N VAL A 294 66.02 -39.70 -25.98
CA VAL A 294 65.08 -40.82 -26.07
C VAL A 294 65.48 -41.67 -27.29
N SER A 295 64.49 -42.13 -28.07
CA SER A 295 64.64 -43.23 -29.00
C SER A 295 65.22 -42.80 -30.35
N LEU A 296 65.24 -43.75 -31.29
CA LEU A 296 65.42 -43.48 -32.70
C LEU A 296 64.54 -44.46 -33.48
N ASP A 297 65.05 -44.96 -34.61
CA ASP A 297 64.30 -45.77 -35.57
C ASP A 297 63.36 -44.85 -36.35
N LEU A 298 63.78 -44.48 -37.55
CA LEU A 298 63.15 -43.34 -38.20
C LEU A 298 61.74 -43.68 -38.66
N GLU A 299 61.55 -44.86 -39.24
CA GLU A 299 60.25 -45.14 -39.82
C GLU A 299 59.15 -45.40 -38.78
N VAL A 300 59.52 -45.76 -37.55
CA VAL A 300 58.47 -45.80 -36.52
C VAL A 300 58.10 -44.38 -36.11
N LEU A 301 59.06 -43.45 -36.14
CA LEU A 301 58.75 -42.06 -35.84
C LEU A 301 57.87 -41.44 -36.92
N ARG A 302 58.07 -41.81 -38.18
CA ARG A 302 57.25 -41.24 -39.23
C ARG A 302 55.85 -41.83 -39.21
N LYS A 303 55.72 -43.13 -38.90
CA LYS A 303 54.38 -43.70 -38.77
C LYS A 303 53.65 -43.09 -37.60
N GLU A 304 54.37 -42.85 -36.50
CA GLU A 304 53.78 -42.28 -35.29
C GLU A 304 53.45 -40.80 -35.46
N ILE A 305 54.25 -40.09 -36.25
CA ILE A 305 53.90 -38.71 -36.59
C ILE A 305 52.67 -38.70 -37.48
N GLU A 306 52.65 -39.56 -38.49
CA GLU A 306 51.48 -39.65 -39.36
C GLU A 306 50.21 -39.89 -38.53
N ASP A 307 50.32 -40.71 -37.49
CA ASP A 307 49.18 -40.98 -36.62
C ASP A 307 48.79 -39.73 -35.84
N MET A 308 49.74 -39.16 -35.08
CA MET A 308 49.47 -37.98 -34.28
C MET A 308 48.86 -36.88 -35.14
N GLU A 309 49.36 -36.71 -36.36
CA GLU A 309 48.75 -35.76 -37.28
C GLU A 309 47.33 -36.17 -37.66
N ALA A 310 47.01 -37.46 -37.58
CA ALA A 310 45.67 -37.88 -37.92
C ALA A 310 44.68 -37.58 -36.80
N GLU A 311 45.01 -37.91 -35.54
CA GLU A 311 44.05 -37.66 -34.50
C GLU A 311 43.95 -36.19 -34.13
N ILE A 312 44.93 -35.38 -34.53
CA ILE A 312 44.67 -33.95 -34.52
C ILE A 312 43.59 -33.62 -35.54
N LYS A 313 43.63 -34.27 -36.71
CA LYS A 313 42.59 -34.03 -37.72
C LYS A 313 41.23 -34.53 -37.23
N ALA A 314 41.21 -35.55 -36.39
CA ALA A 314 39.99 -35.92 -35.70
C ALA A 314 39.39 -34.71 -34.99
N LEU A 315 40.02 -34.29 -33.88
CA LEU A 315 39.44 -33.29 -32.99
C LEU A 315 38.94 -32.05 -33.71
N GLU A 316 39.48 -31.73 -34.89
CA GLU A 316 39.14 -30.45 -35.51
C GLU A 316 37.67 -30.44 -35.94
N PRO A 317 37.04 -29.26 -35.86
CA PRO A 317 37.63 -28.01 -35.38
C PRO A 317 37.64 -27.93 -33.85
N VAL A 318 38.63 -27.22 -33.29
CA VAL A 318 38.66 -26.93 -31.87
C VAL A 318 38.65 -25.42 -31.68
N ASN A 319 38.14 -24.99 -30.54
CA ASN A 319 37.96 -23.57 -30.23
C ASN A 319 38.84 -23.27 -29.03
N MET A 320 39.97 -22.62 -29.24
CA MET A 320 40.88 -22.46 -28.11
C MET A 320 40.46 -21.36 -27.16
N LYS A 321 39.59 -20.45 -27.60
CA LYS A 321 39.01 -19.50 -26.67
C LYS A 321 38.33 -20.22 -25.51
N ALA A 322 37.88 -21.45 -25.75
CA ALA A 322 37.13 -22.20 -24.74
C ALA A 322 37.90 -22.32 -23.42
N ILE A 323 39.21 -22.51 -23.47
CA ILE A 323 39.94 -22.66 -22.22
C ILE A 323 39.80 -21.43 -21.37
N GLU A 324 39.86 -20.25 -21.98
CA GLU A 324 39.68 -19.06 -21.16
C GLU A 324 38.20 -18.73 -20.97
N ASP A 325 37.35 -19.03 -21.97
CA ASP A 325 35.92 -18.77 -21.86
C ASP A 325 35.30 -19.53 -20.70
N PHE A 326 35.71 -20.79 -20.52
CA PHE A 326 35.25 -21.57 -19.39
C PHE A 326 35.35 -20.81 -18.07
N GLU A 327 36.57 -20.48 -17.66
CA GLU A 327 36.78 -19.76 -16.41
C GLU A 327 35.80 -18.62 -16.22
N VAL A 328 35.60 -17.82 -17.27
CA VAL A 328 34.78 -16.64 -17.12
C VAL A 328 33.31 -17.01 -16.91
N VAL A 329 32.86 -18.06 -17.58
CA VAL A 329 31.46 -18.40 -17.45
C VAL A 329 31.22 -19.14 -16.15
N GLU A 330 32.22 -19.88 -15.68
CA GLU A 330 32.08 -20.54 -14.40
C GLU A 330 31.96 -19.52 -13.25
N ARG A 331 32.82 -18.50 -13.24
CA ARG A 331 32.67 -17.44 -12.24
C ARG A 331 31.27 -16.86 -12.28
N ARG A 332 30.75 -16.59 -13.46
CA ARG A 332 29.37 -16.10 -13.56
C ARG A 332 28.39 -17.11 -12.99
N TYR A 333 28.63 -18.39 -13.25
CA TYR A 333 27.77 -19.43 -12.72
C TYR A 333 27.78 -19.40 -11.20
N LEU A 334 28.96 -19.53 -10.60
CA LEU A 334 29.05 -19.56 -9.14
C LEU A 334 28.52 -18.27 -8.52
N GLU A 335 28.49 -17.18 -9.28
CA GLU A 335 28.00 -15.98 -8.63
C GLU A 335 26.50 -15.87 -8.68
N LEU A 336 25.90 -16.32 -9.79
CA LEU A 336 24.44 -16.42 -9.82
C LEU A 336 23.92 -17.35 -8.73
N LYS A 337 24.59 -18.49 -8.49
CA LYS A 337 24.21 -19.35 -7.38
C LYS A 337 24.40 -18.64 -6.05
N SER A 338 25.33 -17.68 -6.01
CA SER A 338 25.49 -16.93 -4.77
C SER A 338 24.39 -15.91 -4.63
N LYS A 339 24.14 -15.13 -5.68
CA LYS A 339 23.08 -14.14 -5.65
C LYS A 339 21.73 -14.78 -5.31
N ARG A 340 21.36 -15.85 -6.02
CA ARG A 340 20.10 -16.53 -5.75
C ARG A 340 19.89 -16.73 -4.26
N GLU A 341 20.83 -17.37 -3.56
CA GLU A 341 20.63 -17.66 -2.16
C GLU A 341 20.46 -16.39 -1.34
N LYS A 342 21.17 -15.32 -1.68
CA LYS A 342 20.96 -14.08 -0.93
C LYS A 342 19.60 -13.48 -1.26
N LEU A 343 19.19 -13.50 -2.53
CA LEU A 343 17.83 -13.10 -2.86
C LEU A 343 16.82 -13.92 -2.09
N GLU A 344 17.01 -15.23 -2.04
CA GLU A 344 16.00 -16.07 -1.44
C GLU A 344 15.93 -15.85 0.06
N ALA A 345 17.08 -15.61 0.69
CA ALA A 345 17.04 -15.25 2.09
C ALA A 345 16.37 -13.88 2.28
N GLU A 346 16.71 -12.91 1.44
CA GLU A 346 16.04 -11.62 1.51
C GLU A 346 14.52 -11.78 1.41
N LYS A 347 14.06 -12.68 0.53
CA LYS A 347 12.63 -12.89 0.36
C LYS A 347 12.01 -13.41 1.65
N GLU A 348 12.58 -14.48 2.20
CA GLU A 348 12.08 -15.04 3.45
C GLU A 348 12.00 -13.97 4.53
N SER A 349 13.02 -13.12 4.61
CA SER A 349 13.02 -12.07 5.63
C SER A 349 11.84 -11.13 5.46
N ILE A 350 11.62 -10.64 4.23
CA ILE A 350 10.48 -9.78 3.98
C ILE A 350 9.21 -10.47 4.44
N ILE A 351 9.11 -11.77 4.16
CA ILE A 351 7.89 -12.51 4.51
C ILE A 351 7.66 -12.49 6.02
N GLU A 352 8.71 -12.73 6.80
CA GLU A 352 8.56 -12.67 8.24
C GLU A 352 8.07 -11.31 8.69
N PHE A 353 8.62 -10.25 8.11
CA PHE A 353 8.20 -8.89 8.44
C PHE A 353 6.73 -8.66 8.11
N ILE A 354 6.29 -9.08 6.92
CA ILE A 354 4.90 -8.92 6.54
C ILE A 354 3.99 -9.67 7.51
N ASN A 355 4.47 -10.78 8.06
CA ASN A 355 3.67 -11.46 9.06
C ASN A 355 3.68 -10.72 10.38
N GLU A 356 4.77 -10.04 10.72
CA GLU A 356 4.77 -9.21 11.91
C GLU A 356 3.75 -8.09 11.80
N ILE A 357 3.64 -7.50 10.61
CA ILE A 357 2.72 -6.38 10.43
C ILE A 357 1.28 -6.83 10.64
N GLU A 358 0.88 -7.91 9.97
CA GLU A 358 -0.52 -8.33 10.07
C GLU A 358 -0.89 -8.60 11.52
N LYS A 359 0.00 -9.24 12.27
CA LYS A 359 -0.31 -9.57 13.65
C LYS A 359 -0.31 -8.33 14.54
N GLU A 360 0.60 -7.39 14.31
CA GLU A 360 0.47 -6.10 14.98
C GLU A 360 -0.86 -5.44 14.65
N LYS A 361 -1.17 -5.31 13.36
CA LYS A 361 -2.44 -4.75 12.91
C LYS A 361 -3.61 -5.38 13.64
N LYS A 362 -3.67 -6.70 13.65
CA LYS A 362 -4.80 -7.37 14.28
C LYS A 362 -4.86 -7.03 15.76
N ASN A 363 -3.73 -7.11 16.48
CA ASN A 363 -3.70 -6.73 17.90
C ASN A 363 -4.32 -5.35 18.13
N VAL A 364 -3.90 -4.35 17.35
CA VAL A 364 -4.46 -3.02 17.53
C VAL A 364 -5.96 -3.06 17.30
N PHE A 365 -6.39 -3.84 16.31
CA PHE A 365 -7.81 -3.91 16.04
C PHE A 365 -8.56 -4.48 17.23
N MET A 366 -8.09 -5.62 17.75
CA MET A 366 -8.80 -6.28 18.84
C MET A 366 -8.77 -5.43 20.10
N ARG A 367 -7.62 -4.84 20.41
CA ARG A 367 -7.53 -3.94 21.56
C ARG A 367 -8.56 -2.85 21.46
N THR A 368 -8.68 -2.26 20.27
CA THR A 368 -9.73 -1.27 20.05
C THR A 368 -11.10 -1.93 20.15
N LEU A 369 -11.27 -3.06 19.45
CA LEU A 369 -12.58 -3.69 19.40
C LEU A 369 -13.08 -4.08 20.78
N GLU A 370 -12.17 -4.49 21.66
CA GLU A 370 -12.59 -4.92 22.98
C GLU A 370 -12.85 -3.74 23.90
N ALA A 371 -12.03 -2.69 23.82
CA ALA A 371 -12.30 -1.49 24.59
C ALA A 371 -13.71 -0.97 24.28
N ILE A 372 -14.02 -0.84 22.99
CA ILE A 372 -15.32 -0.29 22.64
C ILE A 372 -16.44 -1.20 23.13
N ALA A 373 -16.22 -2.51 23.09
CA ALA A 373 -17.29 -3.41 23.52
C ALA A 373 -17.52 -3.32 25.03
N LYS A 374 -16.46 -3.19 25.81
CA LYS A 374 -16.66 -2.93 27.23
C LYS A 374 -17.48 -1.67 27.43
N ASN A 375 -17.03 -0.56 26.83
CA ASN A 375 -17.76 0.70 26.88
C ASN A 375 -19.21 0.50 26.48
N PHE A 376 -19.44 -0.17 25.36
CA PHE A 376 -20.80 -0.35 24.85
C PHE A 376 -21.70 -0.99 25.89
N SER A 377 -21.20 -2.05 26.52
CA SER A 377 -21.95 -2.74 27.57
C SER A 377 -22.39 -1.79 28.67
N GLU A 378 -21.42 -1.11 29.29
CA GLU A 378 -21.72 -0.20 30.38
C GLU A 378 -22.76 0.83 29.97
N LEU A 379 -22.46 1.62 28.95
CA LEU A 379 -23.36 2.68 28.55
C LEU A 379 -24.77 2.17 28.24
N PHE A 380 -24.89 0.97 27.64
CA PHE A 380 -26.24 0.49 27.37
C PHE A 380 -26.97 0.10 28.65
N ALA A 381 -26.24 -0.50 29.60
CA ALA A 381 -26.84 -0.68 30.93
C ALA A 381 -27.22 0.67 31.54
N LYS A 382 -26.46 1.72 31.23
CA LYS A 382 -26.77 3.04 31.77
C LYS A 382 -28.03 3.61 31.14
N LEU A 383 -28.25 3.39 29.84
CA LEU A 383 -29.45 3.94 29.21
C LEU A 383 -30.68 3.05 29.40
N SER A 384 -30.50 1.75 29.58
CA SER A 384 -31.60 0.82 29.82
C SER A 384 -31.24 0.02 31.05
N PRO A 385 -31.52 0.56 32.23
CA PRO A 385 -31.01 -0.04 33.47
C PRO A 385 -31.42 -1.50 33.62
N GLY A 386 -30.50 -2.28 34.21
CA GLY A 386 -30.67 -3.71 34.29
C GLY A 386 -30.52 -4.46 32.98
N GLY A 387 -30.19 -3.77 31.88
CA GLY A 387 -29.98 -4.41 30.61
C GLY A 387 -28.50 -4.58 30.28
N SER A 388 -28.24 -5.32 29.21
CA SER A 388 -26.89 -5.43 28.69
C SER A 388 -26.94 -5.67 27.19
N ALA A 389 -25.76 -5.68 26.58
CA ALA A 389 -25.62 -5.83 25.15
C ALA A 389 -24.17 -6.11 24.81
N ARG A 390 -23.96 -6.66 23.60
CA ARG A 390 -22.69 -7.25 23.21
C ARG A 390 -22.38 -6.95 21.75
N LEU A 391 -21.15 -6.49 21.49
CA LEU A 391 -20.57 -6.50 20.15
C LEU A 391 -20.02 -7.89 19.85
N ILE A 392 -20.22 -8.37 18.63
CA ILE A 392 -19.84 -9.73 18.28
C ILE A 392 -18.99 -9.69 17.02
N LEU A 393 -17.76 -10.21 17.11
CA LEU A 393 -16.94 -10.40 15.92
C LEU A 393 -17.37 -11.67 15.18
N GLU A 394 -17.53 -11.55 13.87
CA GLU A 394 -17.95 -12.70 13.08
C GLU A 394 -16.79 -13.66 12.84
N ASN A 395 -15.63 -13.15 12.44
CA ASN A 395 -14.48 -14.01 12.17
C ASN A 395 -13.41 -13.68 13.20
N PRO A 396 -13.40 -14.38 14.34
CA PRO A 396 -12.41 -14.06 15.39
C PRO A 396 -10.99 -14.27 14.93
N GLU A 397 -10.76 -15.09 13.91
CA GLU A 397 -9.39 -15.35 13.51
C GLU A 397 -8.90 -14.36 12.46
N ASP A 398 -9.71 -14.07 11.45
CA ASP A 398 -9.39 -13.05 10.46
C ASP A 398 -10.49 -11.99 10.55
N PRO A 399 -10.36 -11.06 11.50
CA PRO A 399 -11.44 -10.11 11.70
C PRO A 399 -11.71 -9.28 10.48
N PHE A 400 -10.69 -9.04 9.64
CA PHE A 400 -10.83 -8.10 8.54
C PHE A 400 -11.61 -8.68 7.37
N SER A 401 -11.98 -9.94 7.42
CA SER A 401 -12.86 -10.51 6.41
C SER A 401 -14.21 -10.88 6.98
N GLY A 402 -14.48 -10.48 8.22
CA GLY A 402 -15.76 -10.71 8.85
C GLY A 402 -16.53 -9.41 9.07
N GLY A 403 -17.77 -9.57 9.48
CA GLY A 403 -18.58 -8.47 9.90
C GLY A 403 -18.50 -8.27 11.39
N LEU A 404 -19.47 -7.53 11.90
CA LEU A 404 -19.50 -7.21 13.33
C LEU A 404 -20.97 -6.91 13.67
N GLU A 405 -21.56 -7.73 14.52
CA GLU A 405 -22.98 -7.55 14.82
C GLU A 405 -23.17 -7.11 16.26
N ILE A 406 -24.39 -6.70 16.56
CA ILE A 406 -24.81 -6.26 17.88
C ILE A 406 -25.97 -7.12 18.37
N GLU A 407 -25.99 -7.38 19.67
CA GLU A 407 -27.13 -7.99 20.34
C GLU A 407 -27.38 -7.29 21.65
N ALA A 408 -28.66 -7.04 21.97
CA ALA A 408 -29.04 -6.31 23.17
C ALA A 408 -30.10 -7.07 23.92
N LYS A 409 -30.08 -6.91 25.25
CA LYS A 409 -31.15 -7.45 26.11
C LYS A 409 -31.60 -6.37 27.08
N PRO A 410 -32.78 -5.76 26.84
CA PRO A 410 -33.38 -4.90 27.86
C PRO A 410 -33.81 -5.73 29.04
N ALA A 411 -33.71 -5.15 30.24
CA ALA A 411 -34.14 -5.80 31.47
C ALA A 411 -35.42 -6.58 31.24
N GLY A 412 -35.40 -7.85 31.65
CA GLY A 412 -36.54 -8.72 31.47
C GLY A 412 -37.20 -8.73 30.11
N LYS A 413 -36.48 -8.37 29.05
CA LYS A 413 -36.98 -8.50 27.68
C LYS A 413 -36.09 -9.48 26.91
N ASP A 414 -36.49 -9.79 25.68
CA ASP A 414 -35.83 -10.83 24.91
C ASP A 414 -34.60 -10.28 24.20
N VAL A 415 -33.60 -11.16 24.03
CA VAL A 415 -32.36 -10.83 23.33
C VAL A 415 -32.62 -10.73 21.84
N LYS A 416 -32.34 -9.57 21.24
CA LYS A 416 -32.54 -9.34 19.83
C LYS A 416 -31.26 -8.76 19.23
N ARG A 417 -30.97 -9.13 17.98
CA ARG A 417 -29.90 -8.43 17.30
C ARG A 417 -30.43 -7.12 16.73
N ILE A 418 -29.49 -6.23 16.35
CA ILE A 418 -29.87 -4.88 15.93
C ILE A 418 -30.82 -4.91 14.75
N GLU A 419 -30.71 -5.93 13.88
CA GLU A 419 -31.65 -6.09 12.77
C GLU A 419 -33.10 -5.88 13.22
N ALA A 420 -33.47 -6.47 14.35
CA ALA A 420 -34.86 -6.52 14.76
C ALA A 420 -35.21 -5.47 15.80
N MET A 421 -34.40 -4.42 15.95
CA MET A 421 -34.79 -3.34 16.84
C MET A 421 -35.83 -2.47 16.17
N SER A 422 -36.77 -1.98 16.96
CA SER A 422 -37.91 -1.25 16.42
C SER A 422 -38.18 0.03 17.18
N GLY A 423 -38.67 -0.07 18.42
CA GLY A 423 -39.05 1.13 19.16
C GLY A 423 -37.89 2.02 19.53
N GLY A 424 -38.05 2.85 20.56
CA GLY A 424 -36.93 3.61 21.06
C GLY A 424 -35.78 2.76 21.58
N GLU A 425 -35.95 1.44 21.63
CA GLU A 425 -34.82 0.56 21.94
C GLU A 425 -33.77 0.64 20.85
N LYS A 426 -34.21 0.64 19.60
CA LYS A 426 -33.38 0.94 18.46
C LYS A 426 -32.55 2.20 18.69
N ALA A 427 -33.14 3.23 19.32
CA ALA A 427 -32.43 4.49 19.45
C ALA A 427 -31.42 4.44 20.59
N LEU A 428 -31.85 3.93 21.76
CA LEU A 428 -30.94 3.82 22.90
C LEU A 428 -29.75 2.94 22.58
N THR A 429 -29.95 1.91 21.77
CA THR A 429 -28.85 1.06 21.36
C THR A 429 -27.90 1.83 20.45
N ALA A 430 -28.44 2.48 19.41
CA ALA A 430 -27.57 3.22 18.50
C ALA A 430 -26.74 4.22 19.29
N LEU A 431 -27.30 4.76 20.37
CA LEU A 431 -26.59 5.78 21.12
C LEU A 431 -25.54 5.20 22.04
N ALA A 432 -25.79 3.98 22.56
CA ALA A 432 -24.74 3.31 23.32
C ALA A 432 -23.53 3.07 22.42
N PHE A 433 -23.77 2.51 21.23
CA PHE A 433 -22.70 2.33 20.27
C PHE A 433 -21.95 3.62 20.04
N ILE A 434 -22.67 4.68 19.65
CA ILE A 434 -22.04 5.96 19.34
C ILE A 434 -21.20 6.42 20.51
N PHE A 435 -21.77 6.37 21.71
CA PHE A 435 -21.02 6.84 22.86
C PHE A 435 -19.84 5.94 23.18
N ALA A 436 -19.97 4.64 22.92
CA ALA A 436 -18.86 3.73 23.14
C ALA A 436 -17.62 4.18 22.36
N ILE A 437 -17.79 4.42 21.06
CA ILE A 437 -16.70 4.94 20.25
C ILE A 437 -16.23 6.28 20.80
N GLN A 438 -17.17 7.14 21.20
CA GLN A 438 -16.79 8.49 21.57
C GLN A 438 -15.89 8.49 22.81
N ARG A 439 -16.06 7.53 23.70
CA ARG A 439 -15.18 7.47 24.87
C ARG A 439 -13.82 6.90 24.54
N PHE A 440 -13.76 6.00 23.56
CA PHE A 440 -12.45 5.57 23.11
C PHE A 440 -11.78 6.68 22.33
N LYS A 441 -12.40 7.13 21.25
CA LYS A 441 -11.79 8.11 20.36
C LYS A 441 -12.81 9.19 20.04
N PRO A 442 -12.85 10.26 20.84
CA PRO A 442 -13.82 11.34 20.59
C PRO A 442 -13.65 11.94 19.20
N ALA A 443 -14.77 12.01 18.46
CA ALA A 443 -14.78 12.84 17.26
C ALA A 443 -14.85 14.32 17.65
N PRO A 444 -14.44 15.24 16.75
CA PRO A 444 -14.42 16.67 17.11
C PRO A 444 -15.78 17.22 17.53
N PHE A 445 -16.85 16.75 16.91
CA PHE A 445 -18.18 17.13 17.37
C PHE A 445 -19.13 15.99 17.01
N TYR A 446 -20.32 16.05 17.65
CA TYR A 446 -21.44 15.18 17.35
C TYR A 446 -22.67 16.04 17.03
N LEU A 447 -23.47 15.59 16.06
CA LEU A 447 -24.69 16.30 15.70
C LEU A 447 -25.87 15.37 15.87
N PHE A 448 -26.77 15.72 16.77
CA PHE A 448 -27.98 14.94 17.06
C PHE A 448 -29.18 15.80 16.72
N ASP A 449 -29.79 15.57 15.59
CA ASP A 449 -31.09 16.13 15.32
C ASP A 449 -32.07 15.05 15.75
N GLU A 450 -33.32 15.42 16.12
CA GLU A 450 -34.30 14.52 16.75
C GLU A 450 -33.67 13.55 17.76
N ILE A 451 -33.74 12.22 17.49
CA ILE A 451 -33.30 11.05 18.27
C ILE A 451 -34.00 10.95 19.62
N ASP A 452 -34.56 12.05 20.11
CA ASP A 452 -35.45 11.96 21.26
C ASP A 452 -36.91 11.77 20.86
N ALA A 453 -37.18 11.79 19.55
CA ALA A 453 -38.54 11.67 19.04
C ALA A 453 -39.27 10.42 19.53
N HIS A 454 -38.54 9.37 19.94
CA HIS A 454 -39.17 8.10 20.28
C HIS A 454 -38.78 7.57 21.65
N LEU A 455 -38.19 8.40 22.51
CA LEU A 455 -37.88 8.01 23.87
C LEU A 455 -38.78 8.75 24.83
N ASP A 456 -39.23 8.05 25.86
CA ASP A 456 -40.00 8.65 26.93
C ASP A 456 -39.10 9.57 27.75
N ASP A 457 -39.68 10.16 28.80
CA ASP A 457 -38.99 11.17 29.58
C ASP A 457 -37.82 10.58 30.35
N ALA A 458 -38.05 9.48 31.07
CA ALA A 458 -36.98 8.90 31.87
C ALA A 458 -35.78 8.54 31.02
N ASN A 459 -36.00 8.14 29.77
CA ASN A 459 -34.89 7.91 28.86
C ASN A 459 -34.19 9.22 28.51
N VAL A 460 -34.93 10.20 27.98
CA VAL A 460 -34.28 11.43 27.51
C VAL A 460 -33.47 12.07 28.62
N LYS A 461 -33.84 11.85 29.88
CA LYS A 461 -33.06 12.46 30.95
C LYS A 461 -31.66 11.83 31.04
N ARG A 462 -31.57 10.49 30.94
CA ARG A 462 -30.25 9.87 31.01
C ARG A 462 -29.39 10.22 29.79
N VAL A 463 -30.00 10.26 28.61
CA VAL A 463 -29.28 10.69 27.41
C VAL A 463 -28.72 12.10 27.59
N ALA A 464 -29.57 13.03 28.06
CA ALA A 464 -29.09 14.39 28.28
C ALA A 464 -27.97 14.41 29.31
N ASP A 465 -28.07 13.58 30.35
CA ASP A 465 -26.97 13.45 31.30
C ASP A 465 -25.73 12.87 30.63
N LEU A 466 -25.92 11.83 29.82
CA LEU A 466 -24.79 11.25 29.12
C LEU A 466 -24.14 12.26 28.20
N ILE A 467 -24.96 13.03 27.49
CA ILE A 467 -24.45 14.07 26.60
C ILE A 467 -23.72 15.12 27.42
N LYS A 468 -24.33 15.54 28.52
CA LYS A 468 -23.72 16.55 29.36
C LYS A 468 -22.37 16.08 29.89
N GLU A 469 -22.26 14.81 30.30
CA GLU A 469 -20.97 14.30 30.79
C GLU A 469 -19.92 14.31 29.68
N SER A 470 -20.27 13.74 28.51
CA SER A 470 -19.30 13.61 27.42
C SER A 470 -18.85 14.94 26.87
N SER A 471 -19.64 16.01 27.03
CA SER A 471 -19.26 17.29 26.43
C SER A 471 -18.00 17.86 27.05
N ARG A 472 -17.54 17.29 28.16
CA ARG A 472 -16.27 17.71 28.73
C ARG A 472 -15.11 17.43 27.80
N GLU A 473 -15.28 16.57 26.79
CA GLU A 473 -14.23 16.30 25.83
C GLU A 473 -14.66 16.42 24.37
N SER A 474 -15.97 16.51 24.09
CA SER A 474 -16.46 16.64 22.72
C SER A 474 -17.53 17.71 22.65
N GLN A 475 -17.77 18.22 21.44
CA GLN A 475 -18.81 19.22 21.18
C GLN A 475 -20.10 18.51 20.79
N PHE A 476 -21.20 18.91 21.42
CA PHE A 476 -22.52 18.35 21.12
C PHE A 476 -23.47 19.45 20.65
N ILE A 477 -24.10 19.20 19.50
CA ILE A 477 -25.07 20.09 18.88
C ILE A 477 -26.34 19.27 18.75
N VAL A 478 -27.35 19.55 19.59
CA VAL A 478 -28.57 18.74 19.65
C VAL A 478 -29.77 19.56 19.21
N ILE A 479 -30.46 19.09 18.17
CA ILE A 479 -31.65 19.76 17.64
C ILE A 479 -32.87 19.05 18.23
N THR A 480 -33.57 19.73 19.13
CA THR A 480 -34.57 19.08 19.95
C THR A 480 -35.70 20.05 20.26
N LEU A 481 -36.74 19.54 20.90
CA LEU A 481 -37.79 20.39 21.45
C LEU A 481 -38.16 19.95 22.87
N ARG A 482 -37.46 18.98 23.44
CA ARG A 482 -37.77 18.40 24.73
C ARG A 482 -37.09 19.18 25.85
N ASP A 483 -37.87 19.55 26.87
CA ASP A 483 -37.39 20.50 27.86
C ASP A 483 -36.25 19.93 28.68
N VAL A 484 -36.29 18.63 28.95
CA VAL A 484 -35.22 18.02 29.74
C VAL A 484 -33.89 18.12 28.99
N MET A 485 -33.93 17.96 27.67
CA MET A 485 -32.71 18.10 26.87
C MET A 485 -32.21 19.54 26.92
N MET A 486 -33.11 20.50 26.70
CA MET A 486 -32.79 21.91 26.86
C MET A 486 -32.12 22.20 28.19
N ALA A 487 -32.53 21.47 29.23
CA ALA A 487 -32.25 21.89 30.60
C ALA A 487 -30.75 21.86 30.90
N ASN A 488 -30.03 20.89 30.37
CA ASN A 488 -28.60 20.75 30.65
C ASN A 488 -27.71 21.42 29.63
N ALA A 489 -28.24 21.95 28.54
CA ALA A 489 -27.36 22.59 27.58
C ALA A 489 -26.62 23.74 28.24
N ASP A 490 -25.40 24.01 27.74
CA ASP A 490 -24.66 25.19 28.13
C ASP A 490 -25.17 26.42 27.42
N LYS A 491 -25.68 26.25 26.21
CA LYS A 491 -26.21 27.32 25.37
C LYS A 491 -27.44 26.77 24.66
N ILE A 492 -28.43 27.65 24.46
CA ILE A 492 -29.64 27.33 23.71
C ILE A 492 -29.77 28.31 22.56
N ILE A 493 -29.98 27.79 21.36
CA ILE A 493 -30.26 28.57 20.16
C ILE A 493 -31.72 28.32 19.82
N GLY A 494 -32.49 29.40 19.68
CA GLY A 494 -33.88 29.30 19.28
C GLY A 494 -34.02 29.53 17.79
N VAL A 495 -34.98 28.83 17.18
CA VAL A 495 -35.22 28.87 15.75
C VAL A 495 -36.72 28.90 15.52
N SER A 496 -37.22 29.97 14.92
CA SER A 496 -38.66 30.13 14.67
C SER A 496 -38.88 30.69 13.27
N MET A 497 -40.14 30.60 12.80
CA MET A 497 -40.52 31.03 11.44
C MET A 497 -41.62 32.11 11.54
N ARG A 498 -41.36 33.27 10.91
CA ARG A 498 -42.23 34.44 10.68
C ARG A 498 -42.19 34.66 9.18
N ASP A 499 -43.32 34.51 8.53
CA ASP A 499 -43.45 34.97 7.17
C ASP A 499 -42.43 34.26 6.27
N GLY A 500 -42.26 32.96 6.50
CA GLY A 500 -41.66 32.04 5.56
C GLY A 500 -40.17 31.89 5.63
N VAL A 501 -39.52 32.45 6.65
CA VAL A 501 -38.07 32.41 6.75
C VAL A 501 -37.74 31.79 8.12
N SER A 502 -36.53 31.30 8.31
CA SER A 502 -36.20 30.85 9.65
C SER A 502 -35.31 31.88 10.34
N ARG A 503 -35.45 32.06 11.67
CA ARG A 503 -34.53 32.93 12.42
C ARG A 503 -34.02 32.27 13.65
N VAL A 504 -32.81 32.66 13.95
CA VAL A 504 -32.11 32.10 15.07
C VAL A 504 -31.87 33.24 16.05
N VAL A 505 -32.16 32.96 17.32
CA VAL A 505 -31.96 33.89 18.41
C VAL A 505 -31.17 33.18 19.49
N SER A 506 -30.20 33.89 20.07
CA SER A 506 -29.43 33.38 21.20
C SER A 506 -30.32 33.55 22.42
N LEU A 507 -30.73 32.43 23.02
CA LEU A 507 -31.89 32.44 23.90
C LEU A 507 -31.54 32.36 25.37
N SER A 508 -32.24 31.52 26.12
CA SER A 508 -32.16 31.49 27.57
C SER A 508 -32.99 30.31 28.07
N LEU A 509 -32.59 29.76 29.22
CA LEU A 509 -33.33 28.63 29.76
C LEU A 509 -34.82 28.96 29.84
N GLU A 510 -35.19 29.95 30.65
CA GLU A 510 -36.62 30.18 30.90
C GLU A 510 -37.33 30.87 29.74
N LYS A 511 -36.62 31.71 28.98
CA LYS A 511 -37.21 32.20 27.73
C LYS A 511 -37.64 31.03 26.87
N ALA A 512 -36.72 30.07 26.67
CA ALA A 512 -37.02 28.91 25.84
C ALA A 512 -38.13 28.09 26.45
N MET A 513 -38.15 27.99 27.79
CA MET A 513 -39.30 27.42 28.48
C MET A 513 -40.58 28.09 28.03
N LYS A 514 -40.68 29.40 28.21
CA LYS A 514 -41.86 30.15 27.81
C LYS A 514 -42.25 29.80 26.37
N ILE A 515 -41.40 30.14 25.40
CA ILE A 515 -41.79 29.99 24.00
C ILE A 515 -42.19 28.56 23.67
N LEU A 516 -41.61 27.56 24.35
CA LEU A 516 -41.86 26.17 24.01
C LEU A 516 -42.87 25.50 24.95
N GLU A 517 -43.60 26.28 25.75
CA GLU A 517 -44.89 25.83 26.29
C GLU A 517 -46.05 26.68 25.78
N GLU A 518 -45.77 27.90 25.28
CA GLU A 518 -46.79 28.69 24.61
C GLU A 518 -47.15 28.10 23.24
N ALA A 519 -46.14 27.69 22.45
CA ALA A 519 -46.37 27.04 21.16
C ALA A 519 -46.97 25.64 21.29
N LYS A 520 -47.01 25.07 22.51
CA LYS A 520 -47.61 23.76 22.77
C LYS A 520 -49.01 23.99 23.32
N LYS A 521 -49.98 24.14 22.41
CA LYS A 521 -51.38 24.24 22.78
C LYS A 521 -52.18 23.28 21.92
#